data_8RDK
#
_entry.id   8RDK
#
_cell.length_a   69.509
_cell.length_b   78.199
_cell.length_c   86.872
_cell.angle_alpha   90.00
_cell.angle_beta   90.00
_cell.angle_gamma   90.00
#
_symmetry.space_group_name_H-M   'P 21 21 21'
#
loop_
_entity.id
_entity.type
_entity.pdbx_description
1 polymer 'Serine/threonine-protein kinase haspin'
2 non-polymer 'ZINC ION'
3 non-polymer (4S)-2-METHYL-2,4-PENTANEDIOL
4 non-polymer 3-pyridin-4-yl-1~{H}-pyrrolo[3,2-g]isoquinoline
5 water water
#
_entity_poly.entity_id   1
_entity_poly.type   'polypeptide(L)'
_entity_poly.pdbx_seq_one_letter_code
;MHHHHHHSSGVDLGTENLYFQSMGECSQKGPVPFSHCLPTEKLQRCEKIGEGVFGEVFQTIADHTPVAIKIIAIEGPDLV
NGSHQKTFEEILPEIIISKELSLLSGEVCNRTEGFIGLNSVHCVQGSYPPLLLKAWDHYNSTKGSANDRPDFFKDDQLFI
VLEFEFGGIDLEQMRTKLSSLATAKSILHQLTASLAVAEASLRFEHRDLHWGNVLLKKTSLKKLHYTLNGKSSTIPSCGL
QVSIIDYTLSRLERDGIVVFCDVSMDEDLFTGDGDYQFDIYRLMKKENNNRWGEYHPYSNVLWLHYLTDKMLKQMTFKTK
CNTPAMKQIKRKIQEFHRTMLNFSSATDLLCQHSLFK
;
_entity_poly.pdbx_strand_id   A
#
loop_
_chem_comp.id
_chem_comp.type
_chem_comp.name
_chem_comp.formula
MPD non-polymer (4S)-2-METHYL-2,4-PENTANEDIOL 'C6 H14 O2'
YQT non-polymer 3-pyridin-4-yl-1~{H}-pyrrolo[3,2-g]isoquinoline 'C16 H11 N3'
ZN non-polymer 'ZINC ION' 'Zn 2'
#
# COMPACT_ATOMS: atom_id res chain seq x y z
N GLY A 30 -24.14 -1.18 17.11
CA GLY A 30 -23.27 -1.17 18.30
C GLY A 30 -21.88 -1.69 17.96
N PRO A 31 -20.81 -1.32 18.70
CA PRO A 31 -19.54 -2.02 18.59
C PRO A 31 -19.72 -3.45 19.09
N VAL A 32 -18.87 -4.38 18.64
CA VAL A 32 -18.83 -5.74 19.22
C VAL A 32 -17.58 -5.94 20.06
N PRO A 33 -17.56 -6.96 20.94
CA PRO A 33 -16.36 -7.25 21.72
C PRO A 33 -15.22 -7.65 20.80
N PHE A 34 -13.98 -7.39 21.21
CA PHE A 34 -12.82 -7.83 20.47
C PHE A 34 -12.87 -9.33 20.15
N SER A 35 -13.32 -10.12 21.14
CA SER A 35 -13.48 -11.55 21.01
C SER A 35 -14.34 -11.96 19.81
N HIS A 36 -15.26 -11.13 19.34
CA HIS A 36 -16.08 -11.49 18.18
C HIS A 36 -15.23 -11.51 16.90
N CYS A 37 -14.23 -10.63 16.78
CA CYS A 37 -13.38 -10.62 15.61
C CYS A 37 -12.13 -11.46 15.80
N LEU A 38 -11.62 -11.50 17.04
CA LEU A 38 -10.37 -12.15 17.36
C LEU A 38 -10.59 -13.15 18.48
N PRO A 39 -11.22 -14.33 18.22
CA PRO A 39 -11.35 -15.37 19.23
C PRO A 39 -9.97 -15.95 19.48
N THR A 40 -9.85 -16.82 20.47
CA THR A 40 -8.55 -17.20 21.00
C THR A 40 -7.64 -17.79 19.95
N GLU A 41 -8.14 -18.70 19.09
CA GLU A 41 -7.24 -19.42 18.19
C GLU A 41 -6.66 -18.48 17.13
N LYS A 42 -7.44 -17.48 16.74
CA LYS A 42 -7.00 -16.41 15.84
C LYS A 42 -5.97 -15.48 16.51
N LEU A 43 -6.25 -15.08 17.77
CA LEU A 43 -5.29 -14.31 18.56
C LEU A 43 -4.00 -15.10 18.78
N GLN A 44 -4.08 -16.41 19.04
CA GLN A 44 -2.90 -17.22 19.25
C GLN A 44 -2.05 -17.35 18.00
N ARG A 45 -2.57 -17.05 16.82
CA ARG A 45 -1.77 -17.21 15.63
C ARG A 45 -1.37 -15.85 15.08
N CYS A 46 -1.67 -14.77 15.78
CA CYS A 46 -1.31 -13.46 15.30
C CYS A 46 0.20 -13.26 15.33
N GLU A 47 0.73 -12.69 14.26
CA GLU A 47 2.10 -12.23 14.23
C GLU A 47 2.10 -10.83 13.64
N LYS A 48 2.79 -9.90 14.31
CA LYS A 48 2.81 -8.53 13.80
C LYS A 48 3.68 -8.50 12.55
N ILE A 49 3.17 -7.86 11.51
CA ILE A 49 3.89 -7.73 10.25
C ILE A 49 4.08 -6.28 9.85
N GLY A 50 3.49 -5.30 10.55
CA GLY A 50 3.65 -3.92 10.12
C GLY A 50 2.93 -2.92 11.02
N GLU A 51 3.16 -1.64 10.72
CA GLU A 51 2.71 -0.56 11.58
C GLU A 51 2.71 0.76 10.84
N GLY A 52 2.00 1.72 11.40
CA GLY A 52 2.19 3.12 11.12
C GLY A 52 1.52 3.90 12.23
N VAL A 53 1.49 5.22 12.08
CA VAL A 53 0.97 6.07 13.14
C VAL A 53 -0.49 5.66 13.41
N PHE A 54 -1.19 5.30 12.34
CA PHE A 54 -2.62 5.07 12.41
C PHE A 54 -2.93 3.60 12.11
N GLY A 55 -2.19 2.68 12.72
CA GLY A 55 -2.53 1.27 12.52
C GLY A 55 -1.43 0.29 12.93
N GLU A 56 -1.84 -0.77 13.64
CA GLU A 56 -1.02 -1.98 13.77
C GLU A 56 -1.56 -3.05 12.82
N VAL A 57 -0.67 -3.87 12.25
CA VAL A 57 -1.08 -4.86 11.27
C VAL A 57 -0.55 -6.21 11.71
N PHE A 58 -1.49 -7.18 11.79
CA PHE A 58 -1.11 -8.53 12.16
C PHE A 58 -1.48 -9.49 11.04
N GLN A 59 -0.69 -10.54 10.90
CA GLN A 59 -1.01 -11.67 10.08
C GLN A 59 -1.58 -12.75 10.98
N THR A 60 -2.63 -13.45 10.49
CA THR A 60 -3.18 -14.59 11.21
C THR A 60 -3.90 -15.51 10.22
N ILE A 61 -4.67 -16.48 10.75
CA ILE A 61 -5.36 -17.48 9.94
C ILE A 61 -6.82 -17.34 10.32
N ALA A 62 -7.70 -17.26 9.31
CA ALA A 62 -9.15 -17.26 9.54
C ALA A 62 -9.75 -18.33 8.61
N ASP A 63 -10.42 -19.33 9.17
CA ASP A 63 -10.92 -20.45 8.38
C ASP A 63 -9.80 -21.00 7.49
N HIS A 64 -8.66 -21.34 8.11
CA HIS A 64 -7.52 -21.98 7.46
C HIS A 64 -6.93 -21.15 6.32
N THR A 65 -7.16 -19.84 6.32
CA THR A 65 -6.77 -18.98 5.23
C THR A 65 -5.96 -17.85 5.84
N PRO A 66 -4.76 -17.53 5.33
CA PRO A 66 -4.00 -16.36 5.83
C PRO A 66 -4.74 -15.04 5.62
N VAL A 67 -4.72 -14.18 6.63
CA VAL A 67 -5.31 -12.86 6.48
C VAL A 67 -4.39 -11.85 7.17
N ALA A 68 -4.58 -10.58 6.81
CA ALA A 68 -3.90 -9.47 7.49
C ALA A 68 -4.98 -8.59 8.12
N ILE A 69 -4.79 -8.31 9.41
CA ILE A 69 -5.71 -7.52 10.21
C ILE A 69 -5.04 -6.20 10.58
N LYS A 70 -5.67 -5.08 10.20
CA LYS A 70 -5.24 -3.75 10.60
C LYS A 70 -6.20 -3.21 11.66
N ILE A 71 -5.62 -2.73 12.74
CA ILE A 71 -6.34 -2.30 13.92
C ILE A 71 -6.00 -0.85 14.21
N ILE A 72 -7.04 -0.02 14.30
CA ILE A 72 -6.89 1.42 14.40
C ILE A 72 -7.75 1.90 15.57
N ALA A 73 -7.12 2.61 16.52
CA ALA A 73 -7.84 3.20 17.63
C ALA A 73 -8.64 4.41 17.15
N ILE A 74 -9.92 4.51 17.55
CA ILE A 74 -10.67 5.69 17.14
C ILE A 74 -11.42 6.26 18.34
N GLU A 75 -11.70 7.57 18.25
CA GLU A 75 -12.69 8.25 19.06
C GLU A 75 -12.24 8.44 20.50
N GLY A 76 -11.02 8.02 20.87
CA GLY A 76 -10.61 8.10 22.25
C GLY A 76 -9.79 9.36 22.51
N PRO A 77 -9.62 9.75 23.79
CA PRO A 77 -8.91 11.00 24.13
C PRO A 77 -7.39 10.94 24.20
N ASP A 78 -6.82 9.74 24.28
CA ASP A 78 -5.39 9.60 24.56
C ASP A 78 -4.60 9.81 23.28
N LEU A 79 -3.41 10.43 23.41
CA LEU A 79 -2.46 10.48 22.32
C LEU A 79 -1.96 9.07 22.02
N VAL A 80 -1.74 8.79 20.75
CA VAL A 80 -1.30 7.48 20.32
C VAL A 80 -0.26 7.69 19.23
N ASN A 81 0.99 7.26 19.44
CA ASN A 81 1.95 7.25 18.33
C ASN A 81 2.17 8.68 17.80
N GLY A 82 2.08 9.65 18.69
CA GLY A 82 2.42 11.02 18.35
C GLY A 82 1.26 11.79 17.78
N SER A 83 0.02 11.24 17.70
CA SER A 83 -1.17 11.97 17.25
C SER A 83 -2.38 11.76 18.16
N HIS A 84 -3.36 12.66 17.97
CA HIS A 84 -4.74 12.41 18.34
C HIS A 84 -5.27 11.22 17.54
N GLN A 85 -6.25 10.51 18.12
CA GLN A 85 -6.89 9.40 17.43
C GLN A 85 -7.84 9.95 16.38
N LYS A 86 -8.01 9.19 15.30
CA LYS A 86 -8.96 9.53 14.25
C LYS A 86 -10.34 9.36 14.85
N THR A 87 -11.28 10.17 14.35
CA THR A 87 -12.70 9.94 14.56
C THR A 87 -13.18 8.92 13.54
N PHE A 88 -14.41 8.43 13.74
CA PHE A 88 -15.02 7.52 12.78
C PHE A 88 -15.07 8.18 11.40
N GLU A 89 -15.43 9.47 11.37
CA GLU A 89 -15.55 10.17 10.11
C GLU A 89 -14.19 10.21 9.40
N GLU A 90 -13.10 10.41 10.18
CA GLU A 90 -11.78 10.51 9.57
C GLU A 90 -11.30 9.15 9.07
N ILE A 91 -11.91 8.03 9.48
CA ILE A 91 -11.47 6.71 9.03
C ILE A 91 -12.29 6.25 7.83
N LEU A 92 -13.45 6.86 7.59
CA LEU A 92 -14.29 6.38 6.52
C LEU A 92 -13.60 6.42 5.17
N PRO A 93 -12.84 7.46 4.82
CA PRO A 93 -12.19 7.47 3.50
C PRO A 93 -11.38 6.19 3.30
N GLU A 94 -10.57 5.79 4.28
CA GLU A 94 -9.78 4.58 4.11
C GLU A 94 -10.67 3.35 3.83
N ILE A 95 -11.78 3.24 4.57
CA ILE A 95 -12.66 2.09 4.45
C ILE A 95 -13.25 2.05 3.05
N ILE A 96 -13.79 3.20 2.64
CA ILE A 96 -14.46 3.35 1.36
C ILE A 96 -13.51 3.05 0.21
N ILE A 97 -12.32 3.65 0.24
CA ILE A 97 -11.36 3.44 -0.83
C ILE A 97 -10.91 1.99 -0.83
N SER A 98 -10.74 1.37 0.37
CA SER A 98 -10.38 -0.04 0.42
C SER A 98 -11.47 -0.89 -0.24
N LYS A 99 -12.74 -0.60 0.04
CA LYS A 99 -13.82 -1.34 -0.59
C LYS A 99 -13.79 -1.17 -2.11
N GLU A 100 -13.56 0.06 -2.60
CA GLU A 100 -13.60 0.30 -4.03
C GLU A 100 -12.49 -0.45 -4.74
N LEU A 101 -11.27 -0.40 -4.20
CA LEU A 101 -10.11 -0.99 -4.85
C LEU A 101 -10.21 -2.51 -4.83
N SER A 102 -10.83 -3.03 -3.76
CA SER A 102 -11.06 -4.45 -3.62
C SER A 102 -11.96 -4.98 -4.74
N LEU A 103 -12.89 -4.16 -5.23
CA LEU A 103 -13.74 -4.56 -6.33
C LEU A 103 -12.98 -4.86 -7.64
N LEU A 104 -11.80 -4.31 -7.80
CA LEU A 104 -11.19 -4.20 -9.13
C LEU A 104 -10.75 -5.56 -9.67
N SER A 105 -10.50 -6.53 -8.79
CA SER A 105 -10.13 -7.87 -9.24
C SER A 105 -11.32 -8.58 -9.89
N GLY A 106 -12.56 -8.16 -9.58
CA GLY A 106 -13.75 -8.82 -10.14
C GLY A 106 -14.46 -8.02 -11.24
N GLU A 107 -13.93 -6.87 -11.66
CA GLU A 107 -14.58 -6.08 -12.70
C GLU A 107 -14.12 -6.59 -14.06
N VAL A 108 -14.56 -5.93 -15.15
CA VAL A 108 -14.34 -6.48 -16.48
C VAL A 108 -13.62 -5.49 -17.39
N CYS A 109 -14.18 -4.28 -17.51
CA CYS A 109 -13.64 -3.27 -18.39
C CYS A 109 -12.35 -2.70 -17.80
N ASN A 110 -12.37 -2.47 -16.47
CA ASN A 110 -11.18 -2.03 -15.76
C ASN A 110 -10.94 -2.98 -14.60
N ARG A 111 -9.96 -3.87 -14.81
CA ARG A 111 -9.78 -5.03 -13.94
C ARG A 111 -8.30 -5.23 -13.63
N THR A 112 -7.97 -5.42 -12.36
CA THR A 112 -6.60 -5.70 -11.94
C THR A 112 -6.63 -6.44 -10.61
N GLU A 113 -5.63 -7.29 -10.36
CA GLU A 113 -5.45 -7.90 -9.05
C GLU A 113 -4.34 -7.21 -8.25
N GLY A 114 -3.94 -6.01 -8.67
CA GLY A 114 -2.75 -5.40 -8.12
C GLY A 114 -2.99 -4.58 -6.87
N PHE A 115 -4.24 -4.57 -6.36
CA PHE A 115 -4.55 -4.01 -5.06
C PHE A 115 -4.66 -5.17 -4.07
N ILE A 116 -5.46 -4.97 -3.02
CA ILE A 116 -5.58 -5.97 -1.98
C ILE A 116 -7.07 -6.11 -1.70
N GLY A 117 -7.48 -7.35 -1.50
CA GLY A 117 -8.86 -7.69 -1.12
C GLY A 117 -9.19 -7.21 0.29
N LEU A 118 -10.38 -6.61 0.43
CA LEU A 118 -10.95 -6.31 1.76
C LEU A 118 -12.07 -7.28 2.05
N ASN A 119 -11.94 -8.01 3.14
CA ASN A 119 -12.92 -9.04 3.45
C ASN A 119 -13.99 -8.50 4.40
N SER A 120 -13.57 -7.75 5.43
CA SER A 120 -14.54 -7.23 6.39
C SER A 120 -13.99 -6.02 7.14
N VAL A 121 -14.94 -5.33 7.73
CA VAL A 121 -14.74 -4.15 8.56
C VAL A 121 -15.58 -4.32 9.79
N HIS A 122 -15.00 -4.16 10.99
CA HIS A 122 -15.77 -4.15 12.22
C HIS A 122 -15.39 -2.94 13.06
N CYS A 123 -16.32 -2.58 13.94
CA CYS A 123 -16.04 -1.69 15.04
C CYS A 123 -16.07 -2.53 16.30
N VAL A 124 -14.94 -2.53 16.99
CA VAL A 124 -14.68 -3.41 18.12
C VAL A 124 -14.45 -2.57 19.37
N GLN A 125 -14.82 -3.10 20.52
CA GLN A 125 -14.68 -2.39 21.78
C GLN A 125 -13.97 -3.27 22.81
N GLY A 126 -12.95 -2.72 23.49
CA GLY A 126 -12.23 -3.45 24.54
C GLY A 126 -10.85 -2.85 24.76
N SER A 127 -10.17 -3.33 25.79
CA SER A 127 -8.76 -3.01 25.96
C SER A 127 -7.96 -3.91 25.01
N TYR A 128 -6.68 -3.63 24.83
CA TYR A 128 -5.93 -4.36 23.81
C TYR A 128 -5.65 -5.76 24.36
N PRO A 129 -6.01 -6.83 23.60
CA PRO A 129 -5.70 -8.21 23.98
C PRO A 129 -4.23 -8.49 24.30
N PRO A 130 -3.93 -9.05 25.49
CA PRO A 130 -2.55 -9.39 25.84
C PRO A 130 -1.84 -10.18 24.75
N LEU A 131 -2.58 -10.98 23.98
CA LEU A 131 -1.92 -11.81 22.99
C LEU A 131 -1.45 -10.93 21.82
N LEU A 132 -2.18 -9.87 21.49
CA LEU A 132 -1.68 -8.92 20.49
C LEU A 132 -0.45 -8.20 21.04
N LEU A 133 -0.46 -7.88 22.34
CA LEU A 133 0.69 -7.21 22.94
C LEU A 133 1.92 -8.10 22.82
N LYS A 134 1.75 -9.42 23.07
CA LYS A 134 2.81 -10.39 22.91
C LYS A 134 3.40 -10.31 21.51
N ALA A 135 2.56 -10.30 20.46
CA ALA A 135 3.08 -10.28 19.12
C ALA A 135 3.74 -8.92 18.85
N TRP A 136 3.17 -7.85 19.43
CA TRP A 136 3.71 -6.50 19.25
C TRP A 136 5.14 -6.45 19.84
N ASP A 137 5.29 -7.07 21.01
CA ASP A 137 6.57 -7.14 21.73
C ASP A 137 7.62 -7.88 20.90
N HIS A 138 7.23 -9.02 20.31
CA HIS A 138 8.14 -9.80 19.50
C HIS A 138 8.63 -8.97 18.32
N TYR A 139 7.72 -8.27 17.64
CA TYR A 139 8.09 -7.38 16.56
C TYR A 139 9.06 -6.30 17.05
N ASN A 140 8.79 -5.73 18.23
CA ASN A 140 9.59 -4.63 18.75
C ASN A 140 11.00 -5.14 19.06
N SER A 141 11.07 -6.38 19.55
CA SER A 141 12.32 -7.05 19.89
C SER A 141 13.15 -7.37 18.65
N THR A 142 12.53 -7.56 17.49
CA THR A 142 13.24 -8.15 16.36
C THR A 142 13.45 -7.12 15.25
N LYS A 143 12.44 -6.32 14.95
CA LYS A 143 12.53 -5.32 13.90
C LYS A 143 12.57 -3.92 14.49
N GLY A 144 11.97 -3.71 15.66
CA GLY A 144 11.91 -2.41 16.31
C GLY A 144 10.66 -1.64 15.87
N SER A 145 10.05 -0.89 16.81
CA SER A 145 8.85 -0.13 16.53
C SER A 145 9.13 1.36 16.67
N ALA A 146 8.39 2.18 15.91
CA ALA A 146 8.33 3.63 16.09
C ALA A 146 7.07 4.01 16.86
N ASN A 147 6.24 3.02 17.25
CA ASN A 147 4.94 3.30 17.85
C ASN A 147 5.02 3.14 19.36
N ASP A 148 4.00 3.66 20.04
CA ASP A 148 3.81 3.37 21.46
C ASP A 148 3.27 1.95 21.59
N ARG A 149 3.75 1.23 22.60
CA ARG A 149 3.15 -0.03 23.01
C ARG A 149 1.67 0.20 23.31
N PRO A 150 0.76 -0.46 22.57
CA PRO A 150 -0.67 -0.17 22.72
C PRO A 150 -1.35 -0.84 23.92
N ASP A 151 -0.87 -0.50 25.12
CA ASP A 151 -1.25 -1.26 26.31
C ASP A 151 -2.01 -0.42 27.33
N PHE A 152 -2.42 0.80 26.98
CA PHE A 152 -2.99 1.75 27.93
C PHE A 152 -4.46 2.02 27.59
N PHE A 153 -5.01 1.35 26.61
CA PHE A 153 -6.42 1.52 26.26
C PHE A 153 -7.31 0.87 27.33
N LYS A 154 -8.44 1.52 27.60
CA LYS A 154 -9.41 1.05 28.59
C LYS A 154 -10.44 0.16 27.90
N ASP A 155 -11.24 -0.56 28.71
CA ASP A 155 -12.20 -1.53 28.17
C ASP A 155 -13.37 -0.87 27.42
N ASP A 156 -13.50 0.48 27.41
CA ASP A 156 -14.46 1.15 26.54
C ASP A 156 -13.86 1.60 25.21
N GLN A 157 -12.56 1.38 24.98
CA GLN A 157 -11.91 1.87 23.78
C GLN A 157 -12.52 1.24 22.52
N LEU A 158 -12.77 2.10 21.50
CA LEU A 158 -13.16 1.64 20.18
C LEU A 158 -11.98 1.52 19.22
N PHE A 159 -12.07 0.52 18.36
CA PHE A 159 -11.11 0.32 17.29
C PHE A 159 -11.87 -0.06 16.03
N ILE A 160 -11.29 0.29 14.86
CA ILE A 160 -11.74 -0.29 13.61
C ILE A 160 -10.78 -1.42 13.32
N VAL A 161 -11.34 -2.56 12.91
CA VAL A 161 -10.61 -3.76 12.55
C VAL A 161 -10.94 -4.07 11.09
N LEU A 162 -9.93 -3.93 10.22
CA LEU A 162 -10.05 -4.27 8.82
C LEU A 162 -9.38 -5.62 8.60
N GLU A 163 -10.10 -6.57 8.02
CA GLU A 163 -9.45 -7.81 7.62
C GLU A 163 -9.24 -7.83 6.12
N PHE A 164 -7.97 -7.94 5.75
CA PHE A 164 -7.58 -7.98 4.37
C PHE A 164 -7.06 -9.37 4.01
N GLU A 165 -7.10 -9.65 2.72
CA GLU A 165 -6.35 -10.72 2.11
C GLU A 165 -4.86 -10.53 2.45
N PHE A 166 -4.14 -11.63 2.57
CA PHE A 166 -2.72 -11.57 2.86
C PHE A 166 -1.98 -11.37 1.54
N GLY A 167 -1.22 -10.27 1.44
CA GLY A 167 -0.61 -9.87 0.18
C GLY A 167 0.89 -10.16 0.06
N GLY A 168 1.51 -10.67 1.12
CA GLY A 168 2.91 -11.02 1.05
C GLY A 168 3.81 -10.13 1.91
N ILE A 169 5.06 -9.93 1.44
CA ILE A 169 6.10 -9.20 2.16
C ILE A 169 6.39 -7.91 1.40
N ASP A 170 6.61 -6.82 2.14
CA ASP A 170 6.78 -5.50 1.55
C ASP A 170 8.14 -5.40 0.84
N LEU A 171 8.19 -4.48 -0.14
CA LEU A 171 9.32 -4.39 -1.03
C LEU A 171 10.58 -3.97 -0.26
N GLU A 172 10.41 -3.15 0.79
CA GLU A 172 11.56 -2.75 1.61
C GLU A 172 12.20 -3.97 2.27
N GLN A 173 11.39 -4.93 2.77
CA GLN A 173 11.98 -6.10 3.43
C GLN A 173 12.52 -7.09 2.42
N MET A 174 12.07 -6.99 1.18
CA MET A 174 12.53 -7.84 0.10
C MET A 174 13.68 -7.15 -0.68
N ARG A 175 14.22 -6.06 -0.13
CA ARG A 175 15.17 -5.23 -0.88
C ARG A 175 16.47 -5.96 -1.17
N THR A 176 16.79 -7.02 -0.41
CA THR A 176 17.95 -7.83 -0.71
C THR A 176 17.60 -9.17 -1.33
N LYS A 177 16.34 -9.39 -1.72
CA LYS A 177 15.87 -10.74 -1.96
C LYS A 177 15.39 -10.98 -3.40
N LEU A 178 15.36 -9.96 -4.24
CA LEU A 178 14.88 -10.19 -5.59
C LEU A 178 15.95 -10.89 -6.43
N SER A 179 15.50 -11.55 -7.49
CA SER A 179 16.37 -12.37 -8.31
C SER A 179 17.26 -11.48 -9.20
N SER A 180 16.69 -10.49 -9.90
CA SER A 180 17.46 -9.64 -10.78
C SER A 180 16.67 -8.37 -11.06
N LEU A 181 17.23 -7.51 -11.92
CA LEU A 181 16.53 -6.31 -12.37
C LEU A 181 15.35 -6.64 -13.30
N ALA A 182 15.35 -7.85 -13.87
CA ALA A 182 14.18 -8.33 -14.61
C ALA A 182 12.98 -8.44 -13.67
N THR A 183 13.18 -9.03 -12.48
CA THR A 183 12.14 -9.03 -11.47
C THR A 183 11.66 -7.61 -11.17
N ALA A 184 12.61 -6.66 -11.07
CA ALA A 184 12.26 -5.30 -10.70
C ALA A 184 11.38 -4.69 -11.80
N LYS A 185 11.72 -5.02 -13.04
CA LYS A 185 10.99 -4.52 -14.18
C LYS A 185 9.55 -5.01 -14.13
N SER A 186 9.35 -6.31 -13.87
CA SER A 186 8.01 -6.87 -13.66
C SER A 186 7.26 -6.09 -12.60
N ILE A 187 7.92 -5.80 -11.49
CA ILE A 187 7.29 -5.10 -10.38
C ILE A 187 6.85 -3.72 -10.82
N LEU A 188 7.69 -3.02 -11.58
CA LEU A 188 7.30 -1.68 -12.02
C LEU A 188 6.11 -1.72 -12.97
N HIS A 189 6.10 -2.74 -13.84
CA HIS A 189 5.07 -2.90 -14.85
C HIS A 189 3.74 -3.20 -14.16
N GLN A 190 3.78 -4.12 -13.22
CA GLN A 190 2.60 -4.50 -12.45
C GLN A 190 2.04 -3.26 -11.75
N LEU A 191 2.93 -2.47 -11.13
CA LEU A 191 2.47 -1.33 -10.35
C LEU A 191 1.84 -0.28 -11.28
N THR A 192 2.53 -0.01 -12.41
CA THR A 192 2.06 0.98 -13.34
C THR A 192 0.68 0.58 -13.89
N ALA A 193 0.53 -0.70 -14.26
CA ALA A 193 -0.75 -1.17 -14.79
C ALA A 193 -1.83 -1.03 -13.72
N SER A 194 -1.52 -1.43 -12.48
CA SER A 194 -2.54 -1.41 -11.44
C SER A 194 -3.05 0.01 -11.26
N LEU A 195 -2.11 0.95 -11.17
CA LEU A 195 -2.43 2.36 -10.99
C LEU A 195 -3.16 2.91 -12.22
N ALA A 196 -2.80 2.46 -13.42
CA ALA A 196 -3.53 2.90 -14.61
C ALA A 196 -5.01 2.51 -14.56
N VAL A 197 -5.28 1.26 -14.19
CA VAL A 197 -6.62 0.73 -14.18
C VAL A 197 -7.45 1.51 -13.15
N ALA A 198 -6.84 1.78 -11.97
CA ALA A 198 -7.53 2.54 -10.93
C ALA A 198 -7.74 3.99 -11.37
N GLU A 199 -6.77 4.54 -12.12
CA GLU A 199 -6.96 5.87 -12.68
C GLU A 199 -8.20 5.88 -13.60
N ALA A 200 -8.30 4.86 -14.47
CA ALA A 200 -9.31 4.83 -15.52
C ALA A 200 -10.67 4.57 -14.90
N SER A 201 -10.71 3.76 -13.84
CA SER A 201 -11.99 3.36 -13.26
C SER A 201 -12.49 4.36 -12.24
N LEU A 202 -11.57 4.98 -11.47
CA LEU A 202 -11.90 5.64 -10.21
C LEU A 202 -11.19 6.98 -10.04
N ARG A 203 -10.41 7.43 -11.02
CA ARG A 203 -9.57 8.62 -10.91
C ARG A 203 -8.81 8.53 -9.59
N PHE A 204 -8.12 7.40 -9.40
CA PHE A 204 -7.40 7.11 -8.17
C PHE A 204 -5.98 7.69 -8.15
N GLU A 205 -5.62 8.21 -6.97
CA GLU A 205 -4.24 8.53 -6.61
C GLU A 205 -3.92 7.83 -5.29
N HIS A 206 -2.79 7.12 -5.22
CA HIS A 206 -2.39 6.43 -4.00
C HIS A 206 -1.94 7.43 -2.92
N ARG A 207 -1.01 8.29 -3.33
CA ARG A 207 -0.47 9.45 -2.62
C ARG A 207 0.51 9.08 -1.50
N ASP A 208 0.81 7.79 -1.29
CA ASP A 208 1.74 7.40 -0.24
C ASP A 208 2.34 6.02 -0.53
N LEU A 209 2.87 5.85 -1.75
CA LEU A 209 3.31 4.54 -2.22
C LEU A 209 4.83 4.40 -2.07
N HIS A 210 5.27 4.54 -0.81
CA HIS A 210 6.60 4.15 -0.39
C HIS A 210 6.69 2.62 -0.41
N TRP A 211 7.92 2.09 -0.25
CA TRP A 211 8.19 0.69 -0.58
C TRP A 211 7.73 -0.26 0.52
N GLY A 212 7.23 0.27 1.64
CA GLY A 212 6.49 -0.50 2.62
C GLY A 212 5.08 -0.87 2.12
N ASN A 213 4.56 -0.15 1.10
CA ASN A 213 3.17 -0.31 0.70
C ASN A 213 3.07 -1.08 -0.62
N VAL A 214 4.18 -1.74 -0.97
CA VAL A 214 4.22 -2.62 -2.12
C VAL A 214 4.51 -4.02 -1.58
N LEU A 215 3.53 -4.92 -1.72
CA LEU A 215 3.67 -6.29 -1.25
C LEU A 215 3.99 -7.24 -2.41
N LEU A 216 4.86 -8.21 -2.11
CA LEU A 216 5.20 -9.23 -3.08
C LEU A 216 4.81 -10.59 -2.54
N LYS A 217 4.31 -11.44 -3.43
CA LYS A 217 3.94 -12.80 -3.08
C LYS A 217 4.32 -13.71 -4.24
N LYS A 218 4.80 -14.90 -3.91
CA LYS A 218 5.21 -15.88 -4.89
C LYS A 218 3.97 -16.35 -5.64
N THR A 219 4.09 -16.54 -6.96
CA THR A 219 3.03 -17.11 -7.75
C THR A 219 3.66 -18.08 -8.74
N SER A 220 2.90 -19.12 -9.09
CA SER A 220 3.34 -20.01 -10.14
C SER A 220 2.70 -19.57 -11.45
N LEU A 221 1.91 -18.49 -11.45
CA LEU A 221 1.46 -17.92 -12.72
C LEU A 221 2.66 -17.35 -13.46
N LYS A 222 2.73 -17.63 -14.76
CA LYS A 222 3.79 -17.09 -15.60
C LYS A 222 3.43 -15.69 -16.08
N LYS A 223 2.12 -15.45 -16.29
CA LYS A 223 1.64 -14.21 -16.88
C LYS A 223 0.49 -13.70 -16.03
N LEU A 224 0.56 -12.43 -15.64
CA LEU A 224 -0.53 -11.81 -14.92
C LEU A 224 -1.36 -11.05 -15.95
N HIS A 225 -2.66 -10.89 -15.69
CA HIS A 225 -3.61 -10.31 -16.63
C HIS A 225 -4.22 -9.06 -16.01
N TYR A 226 -4.42 -8.04 -16.83
CA TYR A 226 -5.17 -6.84 -16.47
C TYR A 226 -5.99 -6.41 -17.69
N THR A 227 -7.01 -5.57 -17.45
CA THR A 227 -7.84 -5.03 -18.51
C THR A 227 -8.00 -3.53 -18.29
N LEU A 228 -7.62 -2.74 -19.29
CA LEU A 228 -7.71 -1.30 -19.20
C LEU A 228 -8.67 -0.78 -20.27
N ASN A 229 -9.78 -0.14 -19.85
CA ASN A 229 -10.81 0.34 -20.74
C ASN A 229 -11.14 -0.71 -21.78
N GLY A 230 -11.38 -1.93 -21.31
CA GLY A 230 -11.87 -2.99 -22.16
C GLY A 230 -10.77 -3.73 -22.94
N LYS A 231 -9.51 -3.30 -22.91
CA LYS A 231 -8.44 -4.04 -23.57
C LYS A 231 -7.61 -4.83 -22.55
N SER A 232 -7.51 -6.15 -22.76
CA SER A 232 -6.81 -7.09 -21.89
C SER A 232 -5.36 -7.25 -22.34
N SER A 233 -4.41 -7.25 -21.38
CA SER A 233 -2.99 -7.40 -21.69
C SER A 233 -2.39 -8.33 -20.64
N THR A 234 -1.15 -8.78 -20.85
CA THR A 234 -0.47 -9.61 -19.87
C THR A 234 0.86 -8.98 -19.46
N ILE A 235 1.32 -9.34 -18.27
CA ILE A 235 2.63 -8.97 -17.76
C ILE A 235 3.35 -10.23 -17.28
N PRO A 236 4.58 -10.50 -17.76
CA PRO A 236 5.39 -11.57 -17.16
C PRO A 236 5.60 -11.30 -15.66
N SER A 237 5.33 -12.33 -14.85
CA SER A 237 5.26 -12.21 -13.40
C SER A 237 6.66 -12.23 -12.77
N CYS A 238 7.60 -12.91 -13.44
CA CYS A 238 8.86 -13.32 -12.83
C CYS A 238 8.62 -13.95 -11.47
N GLY A 239 7.48 -14.62 -11.28
CA GLY A 239 7.26 -15.44 -10.11
C GLY A 239 6.63 -14.65 -8.97
N LEU A 240 6.27 -13.39 -9.21
CA LEU A 240 5.68 -12.58 -8.16
C LEU A 240 4.37 -11.94 -8.59
N GLN A 241 3.48 -11.85 -7.60
CA GLN A 241 2.31 -11.00 -7.72
C GLN A 241 2.51 -9.81 -6.81
N VAL A 242 2.30 -8.59 -7.34
CA VAL A 242 2.41 -7.36 -6.57
C VAL A 242 1.06 -6.87 -6.04
N SER A 243 0.98 -6.47 -4.77
CA SER A 243 -0.23 -5.84 -4.25
C SER A 243 0.11 -4.49 -3.62
N ILE A 244 -0.61 -3.47 -4.06
CA ILE A 244 -0.52 -2.13 -3.50
C ILE A 244 -1.46 -2.02 -2.28
N ILE A 245 -0.93 -1.52 -1.14
CA ILE A 245 -1.68 -1.45 0.12
C ILE A 245 -1.63 -0.02 0.68
N ASP A 246 -2.47 0.18 1.71
CA ASP A 246 -2.54 1.33 2.60
C ASP A 246 -3.06 2.56 1.87
N TYR A 247 -4.37 2.83 2.00
CA TYR A 247 -5.09 3.87 1.27
C TYR A 247 -5.39 5.04 2.22
N THR A 248 -4.59 5.19 3.28
CA THR A 248 -4.81 6.26 4.26
C THR A 248 -4.63 7.65 3.65
N LEU A 249 -3.81 7.84 2.61
CA LEU A 249 -3.66 9.16 2.03
C LEU A 249 -4.36 9.28 0.65
N SER A 250 -4.99 8.19 0.24
CA SER A 250 -5.46 8.01 -1.12
C SER A 250 -6.68 8.89 -1.44
N ARG A 251 -6.95 8.99 -2.75
CA ARG A 251 -8.05 9.78 -3.28
C ARG A 251 -8.64 9.05 -4.49
N LEU A 252 -9.98 9.07 -4.60
CA LEU A 252 -10.70 8.63 -5.79
C LEU A 252 -12.06 9.32 -5.89
N GLU A 253 -12.82 8.98 -6.94
CA GLU A 253 -14.18 9.46 -7.03
C GLU A 253 -15.01 8.49 -7.87
N ARG A 254 -16.31 8.52 -7.62
CA ARG A 254 -17.32 7.89 -8.47
C ARG A 254 -18.48 8.85 -8.59
N ASP A 255 -18.92 9.04 -9.83
CA ASP A 255 -20.09 9.83 -10.14
C ASP A 255 -19.97 11.23 -9.55
N GLY A 256 -18.75 11.78 -9.54
CA GLY A 256 -18.55 13.15 -9.10
C GLY A 256 -18.36 13.29 -7.58
N ILE A 257 -18.43 12.19 -6.81
CA ILE A 257 -18.28 12.26 -5.37
C ILE A 257 -16.84 11.89 -5.05
N VAL A 258 -16.09 12.82 -4.46
CA VAL A 258 -14.68 12.61 -4.23
C VAL A 258 -14.48 12.12 -2.79
N VAL A 259 -13.64 11.09 -2.60
CA VAL A 259 -13.26 10.57 -1.29
C VAL A 259 -11.75 10.74 -1.19
N PHE A 260 -11.27 11.43 -0.14
CA PHE A 260 -9.84 11.65 0.00
C PHE A 260 -9.48 12.03 1.44
N CYS A 261 -8.16 12.10 1.67
CA CYS A 261 -7.61 12.62 2.92
C CYS A 261 -7.09 14.05 2.72
N ASP A 262 -7.74 15.00 3.36
CA ASP A 262 -7.41 16.40 3.16
C ASP A 262 -6.25 16.79 4.08
N VAL A 263 -5.05 16.90 3.50
CA VAL A 263 -3.84 17.21 4.26
C VAL A 263 -3.41 18.66 4.02
N SER A 264 -4.31 19.48 3.47
CA SER A 264 -4.01 20.86 3.10
C SER A 264 -3.47 21.67 4.28
N MET A 265 -3.91 21.37 5.50
CA MET A 265 -3.50 22.11 6.68
C MET A 265 -2.37 21.38 7.40
N ASP A 266 -2.11 20.11 7.08
CA ASP A 266 -1.08 19.34 7.76
C ASP A 266 0.28 19.98 7.46
N GLU A 267 1.17 20.05 8.47
CA GLU A 267 2.49 20.70 8.35
C GLU A 267 3.59 19.63 8.30
N ASP A 268 3.50 18.63 9.18
CA ASP A 268 4.54 17.61 9.34
C ASP A 268 4.77 16.86 8.03
N LEU A 269 3.69 16.42 7.40
CA LEU A 269 3.80 15.59 6.20
C LEU A 269 4.77 16.16 5.18
N PHE A 270 4.94 17.49 5.15
CA PHE A 270 5.72 18.17 4.12
C PHE A 270 7.09 18.64 4.62
N THR A 271 7.54 18.26 5.83
CA THR A 271 8.84 18.73 6.34
C THR A 271 9.77 17.56 6.67
N GLY A 272 9.59 16.40 6.05
CA GLY A 272 10.51 15.28 6.23
C GLY A 272 11.79 15.45 5.41
N ASP A 273 12.89 14.80 5.81
CA ASP A 273 14.08 14.69 4.96
C ASP A 273 14.83 13.39 5.29
N GLY A 274 15.93 13.13 4.57
CA GLY A 274 16.65 11.86 4.71
C GLY A 274 16.27 10.80 3.67
N ASP A 275 15.26 11.07 2.83
CA ASP A 275 14.82 10.10 1.85
C ASP A 275 13.99 10.82 0.80
N TYR A 276 14.17 10.47 -0.46
CA TYR A 276 13.33 10.94 -1.54
C TYR A 276 11.83 10.79 -1.24
N GLN A 277 11.40 9.72 -0.57
CA GLN A 277 10.02 9.61 -0.07
C GLN A 277 9.49 10.98 0.37
N PHE A 278 10.29 11.76 1.11
CA PHE A 278 9.77 12.95 1.77
C PHE A 278 9.71 14.12 0.81
N ASP A 279 10.51 14.11 -0.26
CA ASP A 279 10.34 15.07 -1.35
C ASP A 279 9.01 14.81 -2.07
N ILE A 280 8.60 13.54 -2.17
CA ILE A 280 7.40 13.27 -2.93
C ILE A 280 6.21 14.07 -2.38
N TYR A 281 6.04 14.10 -1.06
CA TYR A 281 4.95 14.82 -0.44
C TYR A 281 4.97 16.26 -0.88
N ARG A 282 6.15 16.88 -0.90
CA ARG A 282 6.24 18.28 -1.25
C ARG A 282 5.98 18.46 -2.74
N LEU A 283 6.46 17.52 -3.58
CA LEU A 283 6.24 17.63 -5.01
C LEU A 283 4.75 17.42 -5.32
N MET A 284 4.06 16.55 -4.57
CA MET A 284 2.63 16.36 -4.79
C MET A 284 1.90 17.69 -4.52
N LYS A 285 2.24 18.30 -3.39
CA LYS A 285 1.67 19.57 -2.97
C LYS A 285 1.88 20.66 -4.02
N LYS A 286 3.07 20.69 -4.65
CA LYS A 286 3.34 21.66 -5.69
C LYS A 286 2.45 21.40 -6.91
N GLU A 287 2.33 20.12 -7.32
CA GLU A 287 1.53 19.72 -8.49
C GLU A 287 0.05 20.11 -8.29
N ASN A 288 -0.48 19.98 -7.07
CA ASN A 288 -1.92 20.13 -6.86
C ASN A 288 -2.24 21.46 -6.18
N ASN A 289 -1.21 22.29 -5.94
CA ASN A 289 -1.42 23.60 -5.35
C ASN A 289 -2.08 23.49 -3.99
N ASN A 290 -1.84 22.37 -3.33
CA ASN A 290 -2.38 22.11 -2.02
C ASN A 290 -3.90 21.97 -2.08
N ARG A 291 -4.45 21.63 -3.25
CA ARG A 291 -5.87 21.26 -3.35
C ARG A 291 -6.03 19.74 -3.51
N TRP A 292 -6.31 19.08 -2.39
CA TRP A 292 -6.24 17.62 -2.33
C TRP A 292 -7.53 16.92 -2.81
N GLY A 293 -8.60 17.68 -3.00
CA GLY A 293 -9.81 17.13 -3.60
C GLY A 293 -9.68 16.94 -5.11
N GLU A 294 -8.85 17.75 -5.75
CA GLU A 294 -8.69 17.65 -7.20
C GLU A 294 -8.00 16.34 -7.57
N TYR A 295 -8.02 16.04 -8.85
CA TYR A 295 -7.46 14.84 -9.44
C TYR A 295 -6.17 15.23 -10.13
N HIS A 296 -5.05 14.68 -9.65
CA HIS A 296 -3.75 14.96 -10.24
C HIS A 296 -3.01 13.63 -10.35
N PRO A 297 -3.24 12.82 -11.42
CA PRO A 297 -2.66 11.49 -11.51
C PRO A 297 -1.16 11.55 -11.71
N TYR A 298 -0.61 12.76 -11.89
CA TYR A 298 0.83 12.94 -11.87
C TYR A 298 1.41 12.43 -10.54
N SER A 299 0.62 12.46 -9.45
CA SER A 299 1.12 11.95 -8.17
C SER A 299 1.51 10.48 -8.31
N ASN A 300 0.78 9.69 -9.12
CA ASN A 300 1.15 8.29 -9.30
C ASN A 300 2.51 8.17 -10.02
N VAL A 301 2.79 9.07 -10.96
CA VAL A 301 4.06 9.08 -11.66
C VAL A 301 5.20 9.37 -10.67
N LEU A 302 4.99 10.35 -9.78
CA LEU A 302 6.00 10.70 -8.80
C LEU A 302 6.33 9.50 -7.93
N TRP A 303 5.31 8.81 -7.42
CA TRP A 303 5.56 7.64 -6.58
C TRP A 303 6.32 6.57 -7.36
N LEU A 304 5.97 6.37 -8.63
CA LEU A 304 6.61 5.34 -9.44
C LEU A 304 8.08 5.70 -9.66
N HIS A 305 8.36 7.00 -9.76
CA HIS A 305 9.71 7.49 -9.89
C HIS A 305 10.52 7.21 -8.62
N TYR A 306 9.95 7.50 -7.46
CA TYR A 306 10.53 7.17 -6.16
C TYR A 306 10.81 5.67 -6.07
N LEU A 307 9.90 4.82 -6.56
CA LEU A 307 10.07 3.38 -6.50
C LEU A 307 11.18 2.97 -7.46
N THR A 308 11.20 3.51 -8.67
CA THR A 308 12.25 3.18 -9.63
C THR A 308 13.62 3.52 -9.03
N ASP A 309 13.66 4.67 -8.31
CA ASP A 309 14.86 5.19 -7.70
C ASP A 309 15.35 4.19 -6.64
N LYS A 310 14.41 3.72 -5.82
CA LYS A 310 14.70 2.74 -4.79
C LYS A 310 15.30 1.49 -5.42
N MET A 311 14.73 1.07 -6.55
CA MET A 311 15.21 -0.15 -7.22
C MET A 311 16.63 0.01 -7.78
N LEU A 312 16.97 1.24 -8.21
CA LEU A 312 18.28 1.46 -8.77
C LEU A 312 19.35 1.74 -7.71
N LYS A 313 18.96 2.14 -6.49
CA LYS A 313 19.94 2.60 -5.51
C LYS A 313 20.01 1.75 -4.24
N GLN A 314 18.90 1.18 -3.81
CA GLN A 314 18.81 0.68 -2.46
C GLN A 314 18.42 -0.80 -2.48
N MET A 315 18.68 -1.48 -3.60
CA MET A 315 18.35 -2.89 -3.66
C MET A 315 19.54 -3.74 -4.11
N THR A 316 19.60 -4.97 -3.59
CA THR A 316 20.62 -5.94 -4.00
C THR A 316 19.96 -7.16 -4.61
N PHE A 317 20.62 -7.73 -5.63
CA PHE A 317 20.01 -8.75 -6.46
C PHE A 317 20.84 -10.02 -6.43
N LYS A 318 20.17 -11.17 -6.59
CA LYS A 318 20.85 -12.45 -6.58
C LYS A 318 21.77 -12.50 -7.79
N THR A 319 21.32 -12.01 -8.96
CA THR A 319 22.17 -11.89 -10.13
C THR A 319 22.64 -10.46 -10.29
N LYS A 320 23.96 -10.29 -10.40
CA LYS A 320 24.59 -8.98 -10.49
C LYS A 320 24.66 -8.53 -11.94
N CYS A 321 25.10 -7.29 -12.11
CA CYS A 321 25.20 -6.63 -13.40
C CYS A 321 26.49 -7.09 -14.08
N ASN A 322 26.38 -8.24 -14.77
CA ASN A 322 27.52 -8.86 -15.41
C ASN A 322 27.11 -9.68 -16.64
N THR A 323 25.89 -9.52 -17.18
CA THR A 323 25.52 -10.15 -18.45
C THR A 323 24.95 -9.12 -19.42
N PRO A 324 24.95 -9.33 -20.77
CA PRO A 324 24.26 -8.41 -21.69
C PRO A 324 22.82 -8.09 -21.26
N ALA A 325 22.02 -9.14 -21.01
CA ALA A 325 20.63 -9.01 -20.60
C ALA A 325 20.45 -8.07 -19.41
N MET A 326 21.21 -8.29 -18.32
CA MET A 326 21.10 -7.48 -17.11
C MET A 326 21.56 -6.04 -17.36
N LYS A 327 22.62 -5.88 -18.18
CA LYS A 327 23.09 -4.57 -18.58
C LYS A 327 21.97 -3.83 -19.31
N GLN A 328 21.29 -4.51 -20.23
CA GLN A 328 20.24 -3.91 -21.00
C GLN A 328 19.04 -3.49 -20.12
N ILE A 329 18.59 -4.37 -19.23
CA ILE A 329 17.42 -4.09 -18.41
C ILE A 329 17.76 -2.93 -17.48
N LYS A 330 18.98 -2.93 -16.94
CA LYS A 330 19.41 -1.82 -16.14
C LYS A 330 19.37 -0.51 -16.95
N ARG A 331 19.87 -0.55 -18.20
CA ARG A 331 19.89 0.64 -19.02
C ARG A 331 18.45 1.13 -19.22
N LYS A 332 17.53 0.19 -19.48
CA LYS A 332 16.12 0.51 -19.69
C LYS A 332 15.50 1.12 -18.43
N ILE A 333 15.83 0.59 -17.24
CA ILE A 333 15.23 1.13 -16.04
C ILE A 333 15.84 2.52 -15.74
N GLN A 334 17.13 2.68 -16.02
CA GLN A 334 17.75 4.01 -16.00
C GLN A 334 17.04 4.97 -16.96
N GLU A 335 16.73 4.55 -18.18
CA GLU A 335 16.06 5.43 -19.15
C GLU A 335 14.63 5.75 -18.65
N PHE A 336 13.97 4.79 -18.02
CA PHE A 336 12.66 5.02 -17.43
C PHE A 336 12.75 6.06 -16.33
N HIS A 337 13.73 5.92 -15.44
CA HIS A 337 13.96 6.88 -14.37
C HIS A 337 14.13 8.31 -14.90
N ARG A 338 14.88 8.47 -15.98
CA ARG A 338 15.21 9.83 -16.41
C ARG A 338 14.15 10.39 -17.35
N THR A 339 13.15 9.60 -17.78
CA THR A 339 12.16 10.12 -18.72
C THR A 339 10.73 10.09 -18.16
N MET A 340 10.44 9.25 -17.16
CA MET A 340 9.06 9.01 -16.73
C MET A 340 8.35 10.26 -16.20
N LEU A 341 9.07 11.19 -15.56
CA LEU A 341 8.47 12.41 -15.02
C LEU A 341 7.94 13.33 -16.13
N ASN A 342 8.20 13.00 -17.41
CA ASN A 342 7.63 13.73 -18.53
C ASN A 342 6.28 13.15 -18.94
N PHE A 343 5.73 12.19 -18.17
CA PHE A 343 4.43 11.64 -18.49
C PHE A 343 3.42 12.15 -17.47
N SER A 344 2.13 12.07 -17.81
CA SER A 344 1.12 12.80 -17.07
C SER A 344 0.33 11.88 -16.13
N SER A 345 0.49 10.55 -16.24
CA SER A 345 -0.25 9.62 -15.41
C SER A 345 0.35 8.23 -15.54
N ALA A 346 -0.05 7.33 -14.65
CA ALA A 346 0.28 5.92 -14.80
C ALA A 346 -0.27 5.39 -16.12
N THR A 347 -1.48 5.82 -16.49
CA THR A 347 -2.09 5.43 -17.76
C THR A 347 -1.14 5.80 -18.91
N ASP A 348 -0.68 7.05 -18.93
CA ASP A 348 0.22 7.56 -19.97
C ASP A 348 1.49 6.69 -20.04
N LEU A 349 2.10 6.40 -18.86
CA LEU A 349 3.29 5.58 -18.82
C LEU A 349 3.00 4.21 -19.42
N LEU A 350 1.92 3.58 -18.96
CA LEU A 350 1.64 2.22 -19.37
C LEU A 350 1.41 2.20 -20.89
N CYS A 351 0.69 3.21 -21.40
CA CYS A 351 0.31 3.19 -22.81
C CYS A 351 1.46 3.63 -23.72
N GLN A 352 2.40 4.45 -23.25
CA GLN A 352 3.30 5.16 -24.15
C GLN A 352 4.78 4.86 -23.85
N HIS A 353 5.13 4.48 -22.63
CA HIS A 353 6.56 4.38 -22.33
C HIS A 353 7.12 3.12 -22.97
N SER A 354 8.33 3.26 -23.53
CA SER A 354 9.04 2.21 -24.24
C SER A 354 9.32 1.02 -23.32
N LEU A 355 9.46 1.29 -22.02
CA LEU A 355 9.80 0.21 -21.10
C LEU A 355 8.77 -0.92 -21.17
N PHE A 356 7.50 -0.59 -21.45
CA PHE A 356 6.44 -1.56 -21.34
C PHE A 356 6.09 -2.13 -22.71
N LYS A 357 6.86 -1.78 -23.74
CA LYS A 357 6.52 -2.24 -25.07
C LYS A 357 7.22 -3.58 -25.33
ZN ZN B . -18.98 -9.94 12.18
C1 MPD C . -1.68 -17.50 -18.95
C2 MPD C . -2.25 -17.74 -17.57
O2 MPD C . -2.61 -16.46 -17.03
CM MPD C . -3.52 -18.57 -17.60
C3 MPD C . -1.28 -18.11 -16.43
C4 MPD C . -0.40 -19.32 -16.42
O4 MPD C . 0.86 -18.76 -16.47
C5 MPD C . -0.37 -20.27 -15.24
C1 YQT D . 1.51 -0.24 7.85
C2 YQT D . 2.06 -1.45 7.43
C5 YQT D . 3.08 -4.07 6.23
C12 YQT D . -2.51 -7.16 3.41
C13 YQT D . -2.16 -6.08 4.17
C14 YQT D . -0.85 -6.00 4.69
C15 YQT D . -0.35 -4.84 5.34
C16 YQT D . 0.97 -4.71 5.67
C17 YQT D . 0.03 -1.83 6.22
C18 YQT D . -0.42 -0.62 6.69
C3 YQT D . 1.30 -2.27 6.60
C4 YQT D . 1.79 -3.62 6.22
N6 YQT D . 3.14 -5.36 5.74
C7 YQT D . 1.87 -5.78 5.39
C8 YQT D . 1.44 -6.93 4.78
C9 YQT D . 0.05 -7.08 4.42
C10 YQT D . -0.45 -8.15 3.63
N11 YQT D . -1.70 -8.19 3.12
N19 YQT D . 0.29 0.18 7.50
#